data_9JC9
#
_entry.id   9JC9
#
_cell.length_a   97.358
_cell.length_b   97.358
_cell.length_c   209.686
_cell.angle_alpha   90.000
_cell.angle_beta   90.000
_cell.angle_gamma   120.000
#
_symmetry.space_group_name_H-M   'P 61 2 2'
#
loop_
_entity.id
_entity.type
_entity.pdbx_description
1 polymer Lipase
2 branched 2-acetamido-2-deoxy-beta-D-glucopyranose-(1-4)-2-acetamido-2-deoxy-beta-D-glucopyranose
3 non-polymer 'PALMITIC ACID'
4 water water
#
_entity_poly.entity_id   1
_entity_poly.type   'polypeptide(L)'
_entity_poly.pdbx_seq_one_letter_code
;VMHHHHHHVPMERRAPFPDPNDDPFYKTPSNIGTYANGQVIQSRKAPTDIGNQNGADSFQLSYRTTNTQKEAQANVATVF
IPSKPASPPKIFSYQVYEDSTQLNCAPSYSYLTGFDEPNKVTTVLDTPIIISWALQQGYYVVSSDHEGPRSAFIAGYEEG
MAILDGIRAFKNFKNLPEDIGVGFYGYAGGAHATAWAVSLAEGYAPEIKIDGAAYGGTPASAKDTFTFLNKGFFAGFAVA
GVSGLALAHPDMEAFLEPRLNAKGKQVFEQIRSRGFCLPSVVLHNNFVDVFSLVNDTNLLIEEPIAGILKQETLVQAEAS
YTVPVPKFPRFMWHALPDEIVPFQPAANYVKEQCQKGANINWNVYPIAEHVTAEIFGLVPGLDFLSKAFKGQTPKVACGS
GVPAIPGINSPSTQNVLGSDLANQLNSLKGQQSAFGKPFGSVSPPL
;
_entity_poly.pdbx_strand_id   A
#
# COMPACT_ATOMS: atom_id res chain seq x y z
N ARG A 13 19.04 8.12 22.58
CA ARG A 13 17.89 9.03 22.84
C ARG A 13 16.56 8.29 22.62
N ARG A 14 15.67 8.32 23.61
CA ARG A 14 14.34 7.67 23.50
C ARG A 14 13.32 8.56 22.77
N ALA A 15 12.26 7.96 22.22
CA ALA A 15 11.15 8.70 21.55
C ALA A 15 10.90 10.07 22.18
N PRO A 16 10.73 11.14 21.37
CA PRO A 16 10.43 12.48 21.88
C PRO A 16 8.99 12.67 22.31
N PHE A 17 8.10 11.72 22.05
CA PHE A 17 6.68 11.87 22.34
C PHE A 17 6.22 10.74 23.26
N PRO A 18 5.13 10.95 24.01
CA PRO A 18 4.57 9.85 24.79
C PRO A 18 4.13 8.69 23.90
N ASP A 19 4.06 7.52 24.50
CA ASP A 19 3.44 6.39 23.83
C ASP A 19 2.06 6.79 23.31
N PRO A 20 1.74 6.51 22.05
CA PRO A 20 0.40 6.88 21.53
C PRO A 20 -0.75 6.48 22.42
N ASN A 21 -0.66 5.30 23.07
CA ASN A 21 -1.72 4.87 24.00
C ASN A 21 -1.95 5.88 25.12
N ASP A 22 -0.90 6.61 25.52
CA ASP A 22 -0.93 7.56 26.63
C ASP A 22 -1.07 9.01 26.18
N ASP A 23 -1.18 9.26 24.86
CA ASP A 23 -1.11 10.60 24.29
C ASP A 23 -2.51 11.02 23.86
N PRO A 24 -3.10 12.09 24.42
CA PRO A 24 -4.45 12.46 24.03
C PRO A 24 -4.55 12.93 22.60
N PHE A 25 -3.40 13.20 21.94
CA PHE A 25 -3.40 13.52 20.52
C PHE A 25 -4.07 12.43 19.69
N TYR A 26 -4.00 11.17 20.14
CA TYR A 26 -4.56 10.05 19.39
C TYR A 26 -6.01 9.77 19.77
N LYS A 27 -6.56 10.46 20.76
CA LYS A 27 -7.93 10.16 21.17
C LYS A 27 -8.92 10.82 20.22
N THR A 28 -10.11 10.26 20.17
CA THR A 28 -11.15 10.77 19.29
C THR A 28 -12.11 11.62 20.08
N PRO A 29 -12.21 12.93 19.81
CA PRO A 29 -13.04 13.80 20.65
C PRO A 29 -14.53 13.51 20.47
N SER A 30 -15.32 13.95 21.46
CA SER A 30 -16.75 13.63 21.42
C SER A 30 -17.46 14.35 20.28
N ASN A 31 -16.94 15.49 19.85
CA ASN A 31 -17.50 16.25 18.74
C ASN A 31 -16.98 15.77 17.38
N ILE A 32 -16.39 14.58 17.32
CA ILE A 32 -15.78 14.09 16.08
C ILE A 32 -16.81 14.10 14.94
N GLY A 33 -18.07 13.77 15.24
CA GLY A 33 -19.10 13.72 14.22
C GLY A 33 -19.32 15.01 13.45
N THR A 34 -18.89 16.16 14.01
CA THR A 34 -19.07 17.46 13.37
C THR A 34 -17.90 17.87 12.48
N TYR A 35 -16.83 17.08 12.42
CA TYR A 35 -15.76 17.33 11.47
C TYR A 35 -16.08 16.59 10.17
N ALA A 36 -15.74 17.21 9.03
CA ALA A 36 -15.89 16.51 7.76
C ALA A 36 -14.73 15.56 7.55
N ASN A 37 -14.95 14.55 6.70
CA ASN A 37 -13.86 13.64 6.34
C ASN A 37 -12.69 14.46 5.82
N GLY A 38 -11.51 14.24 6.38
CA GLY A 38 -10.33 14.97 5.98
C GLY A 38 -10.05 16.25 6.76
N GLN A 39 -11.03 16.79 7.47
CA GLN A 39 -10.81 18.03 8.22
C GLN A 39 -9.78 17.83 9.32
N VAL A 40 -8.92 18.83 9.50
CA VAL A 40 -7.84 18.77 10.47
C VAL A 40 -8.36 19.11 11.86
N ILE A 41 -8.19 18.19 12.82
CA ILE A 41 -8.57 18.45 14.21
C ILE A 41 -7.48 19.25 14.92
N GLN A 42 -6.22 18.90 14.71
CA GLN A 42 -5.08 19.64 15.23
C GLN A 42 -3.83 19.09 14.59
N SER A 43 -2.73 19.80 14.81
CA SER A 43 -1.45 19.48 14.20
C SER A 43 -0.35 19.77 15.21
N ARG A 44 0.87 19.34 14.88
CA ARG A 44 2.01 19.61 15.73
C ARG A 44 3.27 19.22 14.98
N LYS A 45 4.34 19.97 15.21
CA LYS A 45 5.60 19.58 14.62
C LYS A 45 6.04 18.25 15.22
N ALA A 46 6.79 17.50 14.45
CA ALA A 46 7.16 16.15 14.87
C ALA A 46 8.60 15.90 14.49
N PRO A 47 9.46 15.62 15.46
CA PRO A 47 10.88 15.37 15.16
C PRO A 47 11.01 13.98 14.55
N THR A 48 11.45 13.92 13.30
CA THR A 48 11.50 12.66 12.58
C THR A 48 12.89 12.50 12.00
N ASP A 49 13.40 11.26 11.98
CA ASP A 49 14.69 11.01 11.36
C ASP A 49 14.68 11.40 9.89
N ILE A 50 13.60 11.06 9.19
CA ILE A 50 13.52 11.34 7.76
C ILE A 50 13.50 12.85 7.52
N GLY A 51 12.61 13.55 8.24
CA GLY A 51 12.55 15.01 8.13
C GLY A 51 13.88 15.68 8.42
N ASN A 52 14.65 15.12 9.37
CA ASN A 52 15.97 15.66 9.67
C ASN A 52 16.94 15.43 8.52
N GLN A 53 16.99 14.20 7.98
CA GLN A 53 17.97 13.85 6.96
C GLN A 53 17.76 14.61 5.66
N ASN A 54 16.57 15.17 5.43
CA ASN A 54 16.27 15.91 4.21
C ASN A 54 16.07 17.39 4.47
N GLY A 55 16.36 17.85 5.68
CA GLY A 55 16.13 19.25 6.01
C GLY A 55 14.71 19.68 5.78
N ALA A 56 13.76 18.78 5.96
CA ALA A 56 12.36 19.03 5.67
C ALA A 56 11.56 19.03 6.96
N ASP A 57 10.71 20.03 7.13
CA ASP A 57 9.82 20.03 8.28
C ASP A 57 8.94 18.79 8.24
N SER A 58 8.62 18.28 9.43
CA SER A 58 7.66 17.20 9.56
C SER A 58 6.65 17.57 10.63
N PHE A 59 5.42 17.08 10.45
CA PHE A 59 4.33 17.37 11.36
C PHE A 59 3.47 16.13 11.50
N GLN A 60 2.72 16.08 12.59
CA GLN A 60 1.65 15.11 12.71
C GLN A 60 0.34 15.85 12.53
N LEU A 61 -0.63 15.18 11.92
CA LEU A 61 -1.94 15.76 11.71
C LEU A 61 -2.97 14.85 12.35
N SER A 62 -3.78 15.40 13.23
CA SER A 62 -4.97 14.71 13.67
C SER A 62 -6.12 15.17 12.79
N TYR A 63 -6.93 14.23 12.32
CA TYR A 63 -7.94 14.53 11.32
C TYR A 63 -9.02 13.47 11.38
N ARG A 64 -10.21 13.86 10.95
CA ARG A 64 -11.36 12.97 10.99
C ARG A 64 -11.33 12.05 9.78
N THR A 65 -11.74 10.79 9.99
CA THR A 65 -11.89 9.82 8.92
C THR A 65 -13.11 8.97 9.26
N THR A 66 -13.36 7.94 8.47
CA THR A 66 -14.53 7.09 8.64
C THR A 66 -14.10 5.64 8.79
N ASN A 67 -14.65 4.94 9.77
CA ASN A 67 -14.25 3.55 9.98
C ASN A 67 -15.11 2.62 9.11
N THR A 68 -14.90 1.31 9.28
CA THR A 68 -15.59 0.35 8.42
C THR A 68 -17.11 0.37 8.63
N GLN A 69 -17.58 0.76 9.81
CA GLN A 69 -19.01 0.78 10.10
C GLN A 69 -19.64 2.11 9.71
N LYS A 70 -18.87 3.00 9.07
CA LYS A 70 -19.29 4.33 8.63
C LYS A 70 -19.43 5.29 9.80
N GLU A 71 -18.62 5.13 10.84
CA GLU A 71 -18.66 6.01 12.00
C GLU A 71 -17.43 6.89 12.01
N ALA A 72 -17.61 8.14 12.42
CA ALA A 72 -16.50 9.07 12.47
C ALA A 72 -15.52 8.64 13.54
N GLN A 73 -14.24 8.86 13.28
CA GLN A 73 -13.17 8.60 14.22
C GLN A 73 -12.01 9.49 13.82
N ALA A 74 -11.10 9.72 14.76
CA ALA A 74 -9.95 10.58 14.52
C ALA A 74 -8.73 9.74 14.22
N ASN A 75 -7.82 10.28 13.42
CA ASN A 75 -6.64 9.52 13.03
C ASN A 75 -5.46 10.48 12.90
N VAL A 76 -4.26 9.90 12.89
CA VAL A 76 -3.03 10.67 12.76
C VAL A 76 -2.37 10.28 11.45
N ALA A 77 -1.78 11.26 10.77
CA ALA A 77 -0.89 11.06 9.65
C ALA A 77 0.36 11.91 9.86
N THR A 78 1.41 11.57 9.12
CA THR A 78 2.69 12.28 9.17
C THR A 78 2.97 12.90 7.81
N VAL A 79 3.30 14.20 7.81
CA VAL A 79 3.57 14.93 6.58
C VAL A 79 4.99 15.47 6.63
N PHE A 80 5.70 15.34 5.52
CA PHE A 80 7.03 15.93 5.33
C PHE A 80 6.89 17.01 4.26
N ILE A 81 7.54 18.14 4.48
CA ILE A 81 7.41 19.32 3.61
C ILE A 81 8.74 19.61 2.94
N PRO A 82 8.90 19.32 1.65
CA PRO A 82 10.21 19.50 1.01
C PRO A 82 10.65 20.95 1.08
N SER A 83 11.95 21.17 1.24
CA SER A 83 12.44 22.54 1.34
C SER A 83 12.12 23.33 0.07
N LYS A 84 12.48 22.77 -1.09
CA LYS A 84 12.12 23.38 -2.37
C LYS A 84 11.05 22.57 -3.11
N PRO A 85 9.76 22.89 -2.97
CA PRO A 85 8.72 22.11 -3.64
C PRO A 85 8.84 22.17 -5.16
N ALA A 86 8.43 21.09 -5.81
CA ALA A 86 8.37 21.07 -7.26
C ALA A 86 7.14 21.81 -7.74
N SER A 87 7.24 22.37 -8.95
CA SER A 87 6.13 23.08 -9.59
C SER A 87 5.84 22.49 -10.96
N PRO A 88 4.58 22.08 -11.25
CA PRO A 88 3.44 22.07 -10.32
C PRO A 88 3.61 21.07 -9.17
N PRO A 89 2.91 21.30 -8.07
CA PRO A 89 3.15 20.49 -6.87
C PRO A 89 2.45 19.15 -6.95
N LYS A 90 3.06 18.16 -6.29
CA LYS A 90 2.57 16.79 -6.22
C LYS A 90 2.61 16.29 -4.78
N ILE A 91 1.68 15.39 -4.44
CA ILE A 91 1.66 14.68 -3.17
C ILE A 91 2.04 13.22 -3.41
N PHE A 92 3.01 12.74 -2.65
CA PHE A 92 3.48 11.35 -2.66
C PHE A 92 3.03 10.73 -1.34
N SER A 93 2.09 9.77 -1.42
CA SER A 93 1.52 9.08 -0.27
C SER A 93 2.20 7.71 -0.11
N TYR A 94 3.06 7.58 0.90
CA TYR A 94 3.82 6.34 1.17
C TYR A 94 3.09 5.51 2.21
N GLN A 95 2.75 4.26 1.87
CA GLN A 95 2.05 3.37 2.79
C GLN A 95 3.01 2.36 3.42
N VAL A 96 3.03 2.32 4.78
CA VAL A 96 3.97 1.55 5.58
C VAL A 96 3.43 0.13 5.77
N TYR A 97 4.30 -0.87 5.76
CA TYR A 97 3.85 -2.22 6.13
C TYR A 97 3.90 -2.38 7.66
N GLU A 98 2.98 -1.69 8.34
CA GLU A 98 2.94 -1.71 9.81
C GLU A 98 2.82 -3.13 10.33
N ASP A 99 1.84 -3.89 9.81
CA ASP A 99 1.73 -5.33 10.06
C ASP A 99 1.58 -5.65 11.55
N SER A 100 0.86 -4.80 12.29
CA SER A 100 0.68 -4.97 13.73
C SER A 100 -0.75 -4.62 14.10
N THR A 101 -1.22 -5.17 15.24
CA THR A 101 -2.52 -4.74 15.73
C THR A 101 -2.36 -4.15 17.12
N GLN A 102 -1.42 -3.20 17.23
CA GLN A 102 -1.16 -2.48 18.48
C GLN A 102 -0.82 -1.04 18.14
N LEU A 103 -1.42 -0.10 18.88
CA LEU A 103 -1.34 1.31 18.53
C LEU A 103 0.08 1.86 18.58
N ASN A 104 0.94 1.39 19.47
CA ASN A 104 2.28 1.99 19.46
C ASN A 104 3.17 1.40 18.36
N CYS A 105 2.61 0.60 17.46
CA CYS A 105 3.30 0.20 16.24
C CYS A 105 3.03 1.14 15.05
N ALA A 106 2.20 2.17 15.24
CA ALA A 106 1.71 3.00 14.14
C ALA A 106 2.86 3.69 13.40
N PRO A 107 2.67 3.98 12.11
CA PRO A 107 3.72 4.69 11.35
C PRO A 107 4.15 6.02 11.99
N SER A 108 3.18 6.85 12.41
CA SER A 108 3.52 8.16 12.98
C SER A 108 4.54 8.02 14.09
N TYR A 109 4.20 7.22 15.12
CA TYR A 109 5.14 6.99 16.21
C TYR A 109 6.48 6.45 15.69
N SER A 110 6.45 5.51 14.74
CA SER A 110 7.70 4.92 14.27
C SER A 110 8.54 5.89 13.44
N TYR A 111 7.95 6.97 12.91
CA TYR A 111 8.77 7.96 12.20
C TYR A 111 9.56 8.86 13.13
N LEU A 112 9.13 9.03 14.39
CA LEU A 112 9.83 9.90 15.34
C LEU A 112 11.29 9.49 15.50
N THR A 113 12.11 10.45 15.92
CA THR A 113 13.49 10.16 16.30
C THR A 113 13.51 9.24 17.52
N GLY A 114 14.67 8.66 17.76
CA GLY A 114 14.85 7.81 18.91
C GLY A 114 15.19 6.39 18.50
N PHE A 115 15.25 5.51 19.51
CA PHE A 115 15.68 4.14 19.27
C PHE A 115 14.69 3.09 19.77
N ASP A 116 13.79 3.41 20.68
CA ASP A 116 12.97 2.41 21.33
C ASP A 116 11.57 2.26 20.74
N GLU A 117 11.21 3.06 19.73
CA GLU A 117 9.90 2.88 19.12
C GLU A 117 9.79 1.45 18.63
N PRO A 118 8.73 0.71 19.00
CA PRO A 118 8.74 -0.74 18.81
C PRO A 118 8.63 -1.18 17.35
N ASN A 119 7.99 -0.40 16.46
CA ASN A 119 7.90 -0.76 15.05
C ASN A 119 8.86 0.03 14.17
N LYS A 120 9.95 0.54 14.75
CA LYS A 120 10.89 1.37 14.00
C LYS A 120 11.44 0.66 12.75
N VAL A 121 11.37 -0.66 12.70
CA VAL A 121 11.88 -1.39 11.53
C VAL A 121 11.09 -1.01 10.27
N THR A 122 9.83 -0.60 10.42
CA THR A 122 8.97 -0.27 9.28
C THR A 122 9.22 1.14 8.73
N THR A 123 10.23 1.88 9.23
CA THR A 123 10.44 3.26 8.79
C THR A 123 11.91 3.62 8.60
N VAL A 124 12.85 2.68 8.73
CA VAL A 124 14.27 3.00 8.65
C VAL A 124 15.02 2.14 7.64
N LEU A 125 14.35 1.22 6.95
CA LEU A 125 15.06 0.39 5.97
C LEU A 125 14.94 0.96 4.55
N ASP A 126 13.90 0.55 3.81
CA ASP A 126 13.70 1.15 2.49
C ASP A 126 12.82 2.38 2.58
N THR A 127 11.93 2.45 3.57
CA THR A 127 11.10 3.63 3.81
C THR A 127 11.83 4.96 3.77
N PRO A 128 12.98 5.16 4.42
CA PRO A 128 13.62 6.48 4.32
C PRO A 128 14.19 6.76 2.95
N ILE A 129 14.75 5.76 2.26
CA ILE A 129 15.24 5.97 0.89
C ILE A 129 14.10 6.36 -0.03
N ILE A 130 12.93 5.76 0.17
CA ILE A 130 11.78 6.05 -0.68
C ILE A 130 11.23 7.43 -0.38
N ILE A 131 11.04 7.77 0.89
CA ILE A 131 10.49 9.09 1.19
C ILE A 131 11.52 10.18 0.90
N SER A 132 12.81 9.88 1.03
CA SER A 132 13.83 10.88 0.69
C SER A 132 13.76 11.23 -0.78
N TRP A 133 13.73 10.21 -1.65
CA TRP A 133 13.63 10.42 -3.09
C TRP A 133 12.50 11.40 -3.42
N ALA A 134 11.30 11.12 -2.92
CA ALA A 134 10.15 11.99 -3.18
C ALA A 134 10.41 13.42 -2.71
N LEU A 135 11.07 13.59 -1.57
CA LEU A 135 11.33 14.93 -1.08
C LEU A 135 12.39 15.64 -1.92
N GLN A 136 13.41 14.89 -2.37
CA GLN A 136 14.45 15.46 -3.20
C GLN A 136 13.94 15.83 -4.60
N GLN A 137 12.79 15.30 -5.00
CA GLN A 137 12.13 15.73 -6.23
C GLN A 137 11.14 16.87 -5.99
N GLY A 138 11.03 17.36 -4.77
CA GLY A 138 10.08 18.41 -4.49
C GLY A 138 8.67 17.96 -4.16
N TYR A 139 8.43 16.66 -3.97
CA TYR A 139 7.07 16.24 -3.69
C TYR A 139 6.72 16.45 -2.22
N TYR A 140 5.47 16.80 -1.98
CA TYR A 140 4.91 16.78 -0.63
C TYR A 140 4.60 15.34 -0.24
N VAL A 141 5.02 14.94 0.96
CA VAL A 141 4.91 13.55 1.40
C VAL A 141 3.93 13.43 2.56
N VAL A 142 2.93 12.57 2.41
CA VAL A 142 2.09 12.12 3.50
C VAL A 142 2.28 10.62 3.66
N SER A 143 2.23 10.16 4.91
CA SER A 143 2.13 8.74 5.21
C SER A 143 1.17 8.61 6.38
N SER A 144 -0.02 8.10 6.11
CA SER A 144 -1.05 8.04 7.14
C SER A 144 -0.80 6.85 8.07
N ASP A 145 -1.43 6.91 9.24
CA ASP A 145 -1.59 5.70 10.05
C ASP A 145 -2.77 4.94 9.44
N HIS A 146 -2.47 4.24 8.34
CA HIS A 146 -3.52 3.61 7.54
C HIS A 146 -4.34 2.61 8.33
N GLU A 147 -3.78 2.02 9.39
CA GLU A 147 -4.57 1.09 10.20
C GLU A 147 -5.59 1.81 11.08
N GLY A 148 -5.47 3.13 11.26
CA GLY A 148 -6.44 3.86 12.03
C GLY A 148 -6.28 3.66 13.52
N PRO A 149 -7.13 4.35 14.30
CA PRO A 149 -7.01 4.23 15.76
C PRO A 149 -7.30 2.83 16.28
N ARG A 150 -8.13 2.03 15.60
CA ARG A 150 -8.42 0.66 16.03
C ARG A 150 -7.33 -0.35 15.63
N SER A 151 -6.20 0.12 15.10
CA SER A 151 -5.07 -0.71 14.64
C SER A 151 -5.51 -1.93 13.81
N ALA A 152 -6.37 -1.68 12.82
CA ALA A 152 -7.07 -2.77 12.10
C ALA A 152 -6.29 -3.21 10.85
N PHE A 153 -5.16 -3.87 11.09
CA PHE A 153 -4.34 -4.46 10.03
C PHE A 153 -5.16 -5.29 9.03
N ILE A 154 -4.83 -5.11 7.73
CA ILE A 154 -5.47 -5.56 6.48
C ILE A 154 -6.99 -5.43 6.42
N ALA A 155 -7.56 -4.49 7.17
CA ALA A 155 -8.97 -4.16 7.00
C ALA A 155 -9.06 -3.10 5.90
N GLY A 156 -9.53 -3.52 4.72
CA GLY A 156 -9.34 -2.71 3.52
C GLY A 156 -10.08 -1.38 3.53
N TYR A 157 -11.35 -1.39 3.93
CA TYR A 157 -12.10 -0.14 3.99
C TYR A 157 -11.49 0.81 5.00
N GLU A 158 -11.13 0.28 6.17
CA GLU A 158 -10.47 1.07 7.21
C GLU A 158 -9.18 1.71 6.69
N GLU A 159 -8.31 0.92 6.05
CA GLU A 159 -7.09 1.47 5.48
C GLU A 159 -7.35 2.45 4.34
N GLY A 160 -8.25 2.10 3.41
CA GLY A 160 -8.53 2.97 2.29
C GLY A 160 -9.00 4.36 2.70
N MET A 161 -10.09 4.43 3.46
CA MET A 161 -10.65 5.71 3.85
C MET A 161 -9.64 6.52 4.66
N ALA A 162 -8.87 5.85 5.51
CA ALA A 162 -7.87 6.54 6.32
C ALA A 162 -6.77 7.15 5.46
N ILE A 163 -6.30 6.42 4.45
CA ILE A 163 -5.27 6.97 3.58
C ILE A 163 -5.80 8.17 2.78
N LEU A 164 -7.00 8.03 2.20
CA LEU A 164 -7.52 9.13 1.38
C LEU A 164 -7.82 10.36 2.23
N ASP A 165 -8.46 10.17 3.39
CA ASP A 165 -8.73 11.28 4.30
C ASP A 165 -7.44 11.85 4.85
N GLY A 166 -6.39 11.03 4.92
CA GLY A 166 -5.08 11.57 5.25
C GLY A 166 -4.59 12.54 4.19
N ILE A 167 -4.92 12.27 2.92
CA ILE A 167 -4.48 13.15 1.84
C ILE A 167 -5.28 14.45 1.87
N ARG A 168 -6.61 14.34 2.06
CA ARG A 168 -7.43 15.53 2.26
C ARG A 168 -6.87 16.41 3.39
N ALA A 169 -6.51 15.78 4.52
CA ALA A 169 -5.92 16.53 5.63
C ALA A 169 -4.60 17.19 5.23
N PHE A 170 -3.74 16.49 4.49
CA PHE A 170 -2.52 17.13 4.01
C PHE A 170 -2.85 18.34 3.13
N LYS A 171 -3.85 18.20 2.27
CA LYS A 171 -4.23 19.31 1.39
C LYS A 171 -4.84 20.46 2.18
N ASN A 172 -5.75 20.16 3.11
CA ASN A 172 -6.32 21.18 3.98
C ASN A 172 -5.24 21.91 4.76
N PHE A 173 -4.28 21.17 5.31
CA PHE A 173 -3.32 21.73 6.24
C PHE A 173 -2.34 22.68 5.54
N LYS A 174 -1.80 22.28 4.38
CA LYS A 174 -0.86 23.13 3.66
C LYS A 174 -1.53 23.92 2.55
N ASN A 175 -2.86 24.06 2.60
CA ASN A 175 -3.66 24.74 1.60
C ASN A 175 -3.14 24.56 0.19
N LEU A 176 -3.18 23.33 -0.27
CA LEU A 176 -2.67 22.93 -1.58
C LEU A 176 -3.81 22.97 -2.59
N PRO A 177 -3.50 23.11 -3.88
CA PRO A 177 -4.57 23.23 -4.88
C PRO A 177 -5.43 21.97 -4.91
N GLU A 178 -6.74 22.16 -4.99
CA GLU A 178 -7.69 21.06 -4.88
C GLU A 178 -7.43 19.96 -5.91
N ASP A 179 -6.64 20.24 -6.94
CA ASP A 179 -6.39 19.32 -8.04
C ASP A 179 -4.92 18.89 -8.10
N ILE A 180 -4.20 19.07 -7.00
CA ILE A 180 -2.84 18.57 -6.91
C ILE A 180 -2.84 17.09 -7.27
N GLY A 181 -1.87 16.70 -8.10
CA GLY A 181 -1.77 15.30 -8.49
C GLY A 181 -1.14 14.49 -7.38
N VAL A 182 -1.77 13.37 -7.04
CA VAL A 182 -1.31 12.44 -6.00
C VAL A 182 -0.72 11.19 -6.62
N GLY A 183 0.36 10.68 -6.01
CA GLY A 183 0.90 9.38 -6.37
C GLY A 183 1.12 8.52 -5.14
N PHE A 184 0.90 7.21 -5.30
CA PHE A 184 0.94 6.25 -4.19
C PHE A 184 2.08 5.25 -4.37
N TYR A 185 2.75 4.92 -3.27
CA TYR A 185 3.71 3.83 -3.21
C TYR A 185 3.43 2.98 -1.97
N GLY A 186 3.61 1.67 -2.11
CA GLY A 186 3.55 0.75 -0.99
C GLY A 186 3.96 -0.67 -1.36
N TYR A 187 4.64 -1.37 -0.44
CA TYR A 187 4.95 -2.78 -0.61
C TYR A 187 4.36 -3.60 0.54
N ALA A 188 4.04 -4.86 0.24
CA ALA A 188 3.66 -5.86 1.25
C ALA A 188 2.41 -5.34 1.97
N GLY A 189 2.40 -5.29 3.30
CA GLY A 189 1.26 -4.71 3.99
C GLY A 189 0.99 -3.28 3.56
N GLY A 190 2.04 -2.54 3.17
CA GLY A 190 1.83 -1.24 2.56
C GLY A 190 1.12 -1.34 1.22
N ALA A 191 1.38 -2.40 0.46
CA ALA A 191 0.68 -2.57 -0.81
C ALA A 191 -0.79 -2.87 -0.62
N HIS A 192 -1.16 -3.63 0.43
CA HIS A 192 -2.58 -3.89 0.69
C HIS A 192 -3.33 -2.59 0.96
N ALA A 193 -2.78 -1.75 1.86
CA ALA A 193 -3.43 -0.47 2.15
C ALA A 193 -3.46 0.44 0.92
N THR A 194 -2.35 0.50 0.18
CA THR A 194 -2.34 1.22 -1.10
C THR A 194 -3.43 0.70 -2.03
N ALA A 195 -3.47 -0.62 -2.23
CA ALA A 195 -4.44 -1.19 -3.17
C ALA A 195 -5.86 -0.80 -2.81
N TRP A 196 -6.17 -0.75 -1.51
CA TRP A 196 -7.53 -0.41 -1.10
C TRP A 196 -7.78 1.09 -1.20
N ALA A 197 -6.77 1.93 -0.95
CA ALA A 197 -6.96 3.36 -1.10
C ALA A 197 -7.32 3.72 -2.54
N VAL A 198 -6.58 3.19 -3.53
CA VAL A 198 -6.88 3.56 -4.92
C VAL A 198 -8.19 2.93 -5.35
N SER A 199 -8.52 1.76 -4.81
CA SER A 199 -9.79 1.13 -5.15
C SER A 199 -10.95 2.00 -4.69
N LEU A 200 -10.84 2.58 -3.50
CA LEU A 200 -11.94 3.35 -2.93
C LEU A 200 -11.96 4.82 -3.38
N ALA A 201 -10.91 5.26 -4.07
CA ALA A 201 -10.70 6.69 -4.31
C ALA A 201 -11.88 7.33 -5.04
N GLU A 202 -12.24 6.78 -6.20
CA GLU A 202 -13.35 7.32 -6.99
C GLU A 202 -14.62 7.45 -6.16
N GLY A 203 -14.99 6.38 -5.46
CA GLY A 203 -16.25 6.38 -4.75
C GLY A 203 -16.26 7.24 -3.51
N TYR A 204 -15.10 7.41 -2.86
CA TYR A 204 -15.03 8.04 -1.55
C TYR A 204 -14.37 9.40 -1.59
N ALA A 205 -13.35 9.58 -2.42
CA ALA A 205 -12.64 10.85 -2.55
C ALA A 205 -12.48 11.21 -4.02
N PRO A 206 -13.60 11.43 -4.74
CA PRO A 206 -13.50 11.78 -6.17
C PRO A 206 -12.73 13.04 -6.44
N GLU A 207 -12.58 13.92 -5.46
CA GLU A 207 -11.87 15.17 -5.69
C GLU A 207 -10.35 15.01 -5.63
N ILE A 208 -9.86 13.81 -5.35
CA ILE A 208 -8.41 13.58 -5.33
C ILE A 208 -7.97 13.20 -6.73
N LYS A 209 -6.97 13.92 -7.26
CA LYS A 209 -6.46 13.69 -8.61
C LYS A 209 -5.24 12.79 -8.54
N ILE A 210 -5.38 11.57 -9.06
CA ILE A 210 -4.34 10.56 -8.93
C ILE A 210 -3.58 10.45 -10.25
N ASP A 211 -2.30 10.80 -10.24
CA ASP A 211 -1.45 10.60 -11.41
C ASP A 211 -0.95 9.16 -11.56
N GLY A 212 -0.83 8.41 -10.47
CA GLY A 212 -0.22 7.08 -10.57
C GLY A 212 -0.12 6.39 -9.22
N ALA A 213 0.14 5.08 -9.28
CA ALA A 213 0.33 4.26 -8.10
C ALA A 213 1.26 3.11 -8.47
N ALA A 214 2.21 2.83 -7.59
CA ALA A 214 3.13 1.72 -7.74
C ALA A 214 3.04 0.88 -6.47
N TYR A 215 2.72 -0.41 -6.60
CA TYR A 215 2.64 -1.25 -5.41
C TYR A 215 2.96 -2.70 -5.75
N GLY A 216 3.54 -3.40 -4.78
CA GLY A 216 3.99 -4.77 -4.99
C GLY A 216 3.85 -5.64 -3.76
N GLY A 217 3.95 -6.95 -3.97
CA GLY A 217 3.68 -7.93 -2.92
C GLY A 217 2.26 -7.82 -2.38
N THR A 218 1.32 -7.57 -3.26
CA THR A 218 -0.01 -7.13 -2.85
C THR A 218 -0.84 -8.28 -2.30
N PRO A 219 -1.32 -8.21 -1.05
CA PRO A 219 -2.36 -9.13 -0.61
C PRO A 219 -3.70 -8.74 -1.21
N ALA A 220 -4.12 -9.40 -2.29
CA ALA A 220 -5.37 -9.04 -2.94
C ALA A 220 -6.59 -9.54 -2.16
N SER A 221 -6.54 -10.77 -1.66
CA SER A 221 -7.66 -11.38 -0.96
C SER A 221 -7.25 -11.68 0.47
N ALA A 222 -8.03 -11.20 1.43
CA ALA A 222 -7.78 -11.54 2.82
C ALA A 222 -7.87 -13.03 3.03
N LYS A 223 -8.89 -13.66 2.46
CA LYS A 223 -9.09 -15.09 2.66
C LYS A 223 -7.92 -15.90 2.09
N ASP A 224 -7.55 -15.65 0.83
CA ASP A 224 -6.48 -16.44 0.22
C ASP A 224 -5.16 -16.20 0.91
N THR A 225 -4.93 -15.00 1.44
CA THR A 225 -3.66 -14.80 2.13
C THR A 225 -3.64 -15.56 3.44
N PHE A 226 -4.79 -15.64 4.12
CA PHE A 226 -4.85 -16.43 5.34
C PHE A 226 -4.53 -17.90 5.06
N THR A 227 -5.20 -18.49 4.07
CA THR A 227 -4.98 -19.91 3.76
C THR A 227 -3.53 -20.17 3.36
N PHE A 228 -2.94 -19.24 2.60
CA PHE A 228 -1.57 -19.38 2.15
C PHE A 228 -0.60 -19.34 3.31
N LEU A 229 -0.95 -18.63 4.37
CA LEU A 229 -0.04 -18.37 5.49
C LEU A 229 -0.21 -19.35 6.64
N ASN A 230 -1.43 -19.87 6.84
CA ASN A 230 -1.76 -20.67 8.01
C ASN A 230 -0.96 -21.97 8.03
N LYS A 231 -0.36 -22.27 9.17
CA LYS A 231 0.46 -23.46 9.47
C LYS A 231 1.87 -23.32 8.91
N GLY A 232 2.17 -22.23 8.20
CA GLY A 232 3.52 -22.00 7.71
C GLY A 232 4.33 -21.18 8.70
N PHE A 233 5.62 -21.02 8.37
CA PHE A 233 6.53 -20.28 9.22
C PHE A 233 5.98 -18.91 9.56
N PHE A 234 5.35 -18.24 8.59
CA PHE A 234 4.84 -16.90 8.78
C PHE A 234 3.36 -16.89 9.19
N ALA A 235 2.86 -17.99 9.78
CA ALA A 235 1.51 -18.04 10.31
C ALA A 235 1.21 -16.90 11.28
N GLY A 236 2.24 -16.33 11.91
CA GLY A 236 2.02 -15.20 12.80
C GLY A 236 1.31 -14.03 12.14
N PHE A 237 1.50 -13.88 10.82
CA PHE A 237 0.76 -12.86 10.06
C PHE A 237 -0.71 -13.22 9.96
N ALA A 238 -1.01 -14.52 9.79
CA ALA A 238 -2.40 -14.96 9.79
C ALA A 238 -3.08 -14.62 11.11
N VAL A 239 -2.39 -14.85 12.23
CA VAL A 239 -2.91 -14.39 13.52
C VAL A 239 -3.12 -12.89 13.50
N ALA A 240 -2.11 -12.15 13.07
CA ALA A 240 -2.20 -10.69 13.01
C ALA A 240 -3.39 -10.24 12.15
N GLY A 241 -3.57 -10.86 10.99
CA GLY A 241 -4.65 -10.46 10.12
C GLY A 241 -6.02 -10.78 10.69
N VAL A 242 -6.13 -11.91 11.39
CA VAL A 242 -7.39 -12.23 12.07
C VAL A 242 -7.69 -11.17 13.11
N SER A 243 -6.66 -10.80 13.88
CA SER A 243 -6.81 -9.76 14.90
C SER A 243 -7.22 -8.44 14.27
N GLY A 244 -6.64 -8.10 13.12
CA GLY A 244 -6.92 -6.81 12.50
C GLY A 244 -8.33 -6.72 11.94
N LEU A 245 -8.77 -7.75 11.21
CA LEU A 245 -10.14 -7.74 10.72
C LEU A 245 -11.13 -7.67 11.87
N ALA A 246 -10.90 -8.44 12.93
CA ALA A 246 -11.82 -8.42 14.06
C ALA A 246 -11.90 -7.04 14.70
N LEU A 247 -10.81 -6.27 14.68
CA LEU A 247 -10.82 -4.93 15.24
C LEU A 247 -11.60 -3.94 14.38
N ALA A 248 -11.73 -4.23 13.09
CA ALA A 248 -12.54 -3.40 12.20
C ALA A 248 -13.91 -4.01 11.92
N HIS A 249 -14.20 -5.19 12.46
CA HIS A 249 -15.50 -5.84 12.27
C HIS A 249 -15.96 -6.35 13.63
N PRO A 250 -16.61 -5.50 14.41
CA PRO A 250 -16.98 -5.91 15.79
C PRO A 250 -17.89 -7.12 15.82
N ASP A 251 -18.71 -7.35 14.79
CA ASP A 251 -19.52 -8.56 14.79
C ASP A 251 -18.65 -9.81 14.68
N MET A 252 -17.50 -9.71 14.00
CA MET A 252 -16.56 -10.81 13.99
C MET A 252 -15.79 -10.90 15.30
N GLU A 253 -15.46 -9.76 15.92
CA GLU A 253 -14.92 -9.84 17.27
C GLU A 253 -15.90 -10.53 18.22
N ALA A 254 -17.19 -10.17 18.15
CA ALA A 254 -18.17 -10.80 19.04
C ALA A 254 -18.30 -12.29 18.75
N PHE A 255 -18.11 -12.69 17.50
CA PHE A 255 -18.20 -14.11 17.15
C PHE A 255 -16.96 -14.87 17.61
N LEU A 256 -15.80 -14.20 17.61
CA LEU A 256 -14.55 -14.90 17.87
C LEU A 256 -14.31 -15.09 19.36
N GLU A 257 -14.47 -14.04 20.16
CA GLU A 257 -14.10 -14.06 21.57
C GLU A 257 -14.65 -15.26 22.35
N PRO A 258 -15.94 -15.60 22.26
CA PRO A 258 -16.42 -16.80 22.95
C PRO A 258 -15.91 -18.11 22.35
N ARG A 259 -15.24 -18.07 21.20
CA ARG A 259 -14.69 -19.28 20.61
C ARG A 259 -13.21 -19.48 20.89
N LEU A 260 -12.54 -18.44 21.39
CA LEU A 260 -11.14 -18.55 21.75
C LEU A 260 -10.96 -19.51 22.91
N ASN A 261 -10.08 -20.51 22.75
CA ASN A 261 -9.80 -21.40 23.86
C ASN A 261 -8.74 -20.77 24.75
N ALA A 262 -8.35 -21.52 25.79
CA ALA A 262 -7.41 -21.01 26.78
C ALA A 262 -6.13 -20.50 26.11
N LYS A 263 -5.59 -21.25 25.16
CA LYS A 263 -4.41 -20.80 24.44
C LYS A 263 -4.74 -19.60 23.55
N GLY A 264 -5.77 -19.73 22.71
CA GLY A 264 -6.16 -18.65 21.82
C GLY A 264 -6.37 -17.32 22.52
N LYS A 265 -6.99 -17.35 23.71
CA LYS A 265 -7.21 -16.09 24.42
C LYS A 265 -5.89 -15.40 24.71
N GLN A 266 -4.87 -16.16 25.07
CA GLN A 266 -3.57 -15.57 25.37
C GLN A 266 -2.79 -15.20 24.12
N VAL A 267 -3.04 -15.88 23.00
CA VAL A 267 -2.34 -15.54 21.76
C VAL A 267 -2.79 -14.18 21.25
N PHE A 268 -4.10 -13.95 21.19
CA PHE A 268 -4.58 -12.66 20.69
C PHE A 268 -4.31 -11.53 21.67
N GLU A 269 -4.34 -11.81 22.98
CA GLU A 269 -3.92 -10.80 23.93
C GLU A 269 -2.46 -10.38 23.69
N GLN A 270 -1.59 -11.36 23.43
CA GLN A 270 -0.19 -11.04 23.13
C GLN A 270 -0.06 -10.21 21.85
N ILE A 271 -0.84 -10.54 20.82
CA ILE A 271 -0.70 -9.85 19.54
C ILE A 271 -1.39 -8.50 19.53
N ARG A 272 -2.19 -8.19 20.55
CA ARG A 272 -2.76 -6.86 20.72
C ARG A 272 -2.04 -6.02 21.77
N SER A 273 -0.98 -6.55 22.38
CA SER A 273 -0.34 -5.93 23.54
C SER A 273 0.73 -4.92 23.12
N ARG A 274 1.03 -4.00 24.03
CA ARG A 274 1.98 -2.93 23.75
C ARG A 274 3.33 -3.49 23.31
N GLY A 275 3.97 -2.79 22.35
CA GLY A 275 5.27 -3.19 21.85
C GLY A 275 5.30 -4.45 20.98
N PHE A 276 4.16 -5.12 20.74
CA PHE A 276 4.13 -6.32 19.89
C PHE A 276 3.88 -5.86 18.46
N CYS A 277 4.98 -5.61 17.74
CA CYS A 277 4.88 -5.11 16.38
C CYS A 277 5.49 -6.10 15.39
N LEU A 278 5.82 -5.63 14.18
CA LEU A 278 6.27 -6.54 13.13
C LEU A 278 7.40 -7.45 13.59
N PRO A 279 8.45 -6.98 14.25
CA PRO A 279 9.52 -7.92 14.64
C PRO A 279 8.99 -9.02 15.56
N SER A 280 8.05 -8.68 16.44
CA SER A 280 7.44 -9.71 17.28
C SER A 280 6.54 -10.63 16.45
N VAL A 281 5.76 -10.06 15.53
CA VAL A 281 4.77 -10.85 14.80
C VAL A 281 5.44 -11.99 14.02
N VAL A 282 6.64 -11.76 13.49
CA VAL A 282 7.30 -12.82 12.72
C VAL A 282 8.14 -13.75 13.59
N LEU A 283 8.31 -13.43 14.87
CA LEU A 283 9.01 -14.28 15.81
C LEU A 283 8.06 -15.09 16.70
N HIS A 284 6.75 -15.03 16.44
CA HIS A 284 5.76 -15.74 17.23
C HIS A 284 4.77 -16.44 16.33
N ASN A 285 4.17 -17.51 16.87
CA ASN A 285 3.12 -18.28 16.21
C ASN A 285 3.61 -18.94 14.92
N ASN A 286 4.93 -19.07 14.78
CA ASN A 286 5.49 -19.81 13.67
C ASN A 286 4.90 -21.21 13.66
N PHE A 287 4.33 -21.61 12.51
CA PHE A 287 3.75 -22.92 12.23
C PHE A 287 2.47 -23.21 12.99
N VAL A 288 1.89 -22.18 13.61
CA VAL A 288 0.65 -22.39 14.40
C VAL A 288 -0.54 -22.51 13.45
N ASP A 289 -1.61 -23.15 13.93
CA ASP A 289 -2.86 -23.19 13.14
C ASP A 289 -3.82 -22.27 13.88
N VAL A 290 -4.41 -21.31 13.18
CA VAL A 290 -5.38 -20.36 13.79
C VAL A 290 -6.57 -21.19 14.31
N PHE A 291 -6.93 -22.23 13.58
CA PHE A 291 -8.06 -23.12 13.95
C PHE A 291 -7.76 -23.76 15.31
N SER A 292 -6.50 -24.08 15.60
CA SER A 292 -6.10 -24.65 16.92
C SER A 292 -6.46 -23.66 18.03
N LEU A 293 -6.30 -22.36 17.80
CA LEU A 293 -6.64 -21.29 18.78
C LEU A 293 -8.15 -21.29 19.12
N VAL A 294 -9.02 -21.59 18.15
CA VAL A 294 -10.50 -21.49 18.39
C VAL A 294 -11.17 -22.87 18.44
N ASN A 295 -12.27 -22.99 19.20
CA ASN A 295 -13.05 -24.26 19.26
C ASN A 295 -13.62 -24.58 17.86
N ASP A 296 -14.06 -23.57 17.11
CA ASP A 296 -14.73 -23.83 15.80
C ASP A 296 -13.72 -23.91 14.65
N THR A 297 -13.77 -24.99 13.88
CA THR A 297 -12.91 -25.13 12.67
C THR A 297 -13.72 -24.66 11.47
N ASN A 298 -14.97 -24.24 11.69
CA ASN A 298 -15.89 -23.85 10.58
C ASN A 298 -15.97 -22.33 10.46
N LEU A 299 -15.07 -21.57 11.07
CA LEU A 299 -15.24 -20.10 11.12
C LEU A 299 -15.27 -19.50 9.71
N LEU A 300 -14.43 -19.97 8.79
CA LEU A 300 -14.42 -19.32 7.45
C LEU A 300 -15.81 -19.52 6.82
N ILE A 301 -16.38 -20.72 6.94
CA ILE A 301 -17.73 -21.05 6.39
C ILE A 301 -18.87 -20.25 7.07
N GLU A 302 -18.82 -20.03 8.39
CA GLU A 302 -19.98 -19.44 9.12
C GLU A 302 -20.05 -17.91 9.06
N GLU A 303 -21.25 -17.36 9.33
CA GLU A 303 -21.36 -15.91 9.41
C GLU A 303 -20.97 -15.44 10.82
N PRO A 304 -20.47 -14.21 10.95
CA PRO A 304 -20.31 -13.17 9.92
C PRO A 304 -19.04 -13.25 9.09
N ILE A 305 -18.12 -14.14 9.45
CA ILE A 305 -16.78 -14.09 8.86
C ILE A 305 -16.83 -14.39 7.37
N ALA A 306 -17.66 -15.37 6.96
CA ALA A 306 -17.78 -15.71 5.56
C ALA A 306 -18.19 -14.51 4.72
N GLY A 307 -19.16 -13.71 5.18
CA GLY A 307 -19.53 -12.52 4.46
C GLY A 307 -18.47 -11.44 4.52
N ILE A 308 -17.83 -11.28 5.68
CA ILE A 308 -16.78 -10.28 5.82
C ILE A 308 -15.64 -10.54 4.84
N LEU A 309 -15.22 -11.80 4.74
CA LEU A 309 -14.16 -12.15 3.81
C LEU A 309 -14.55 -11.84 2.37
N LYS A 310 -15.85 -11.96 2.04
CA LYS A 310 -16.33 -11.59 0.72
C LYS A 310 -16.35 -10.08 0.52
N GLN A 311 -16.28 -9.32 1.60
CA GLN A 311 -16.08 -7.88 1.47
C GLN A 311 -14.61 -7.51 1.46
N GLU A 312 -13.78 -8.26 2.17
CA GLU A 312 -12.38 -7.94 2.35
C GLU A 312 -11.50 -8.57 1.27
N THR A 313 -11.92 -8.41 0.00
CA THR A 313 -11.14 -8.88 -1.13
C THR A 313 -11.34 -7.94 -2.32
N LEU A 314 -10.32 -7.86 -3.16
CA LEU A 314 -10.36 -7.12 -4.40
C LEU A 314 -10.49 -8.02 -5.63
N VAL A 315 -10.51 -9.34 -5.45
CA VAL A 315 -10.70 -10.28 -6.55
C VAL A 315 -12.21 -10.40 -6.80
N GLN A 316 -12.64 -9.96 -7.99
CA GLN A 316 -14.07 -9.93 -8.29
C GLN A 316 -14.68 -11.32 -8.23
N ALA A 317 -13.90 -12.35 -8.54
CA ALA A 317 -14.42 -13.71 -8.49
C ALA A 317 -14.81 -14.12 -7.08
N GLU A 318 -14.24 -13.49 -6.03
CA GLU A 318 -14.64 -13.78 -4.67
C GLU A 318 -15.54 -12.72 -4.05
N ALA A 319 -15.59 -11.52 -4.62
CA ALA A 319 -16.22 -10.40 -3.94
C ALA A 319 -17.73 -10.51 -3.98
N SER A 320 -18.39 -10.05 -2.92
CA SER A 320 -19.84 -9.94 -2.88
C SER A 320 -20.31 -8.55 -3.25
N TYR A 321 -19.44 -7.76 -3.87
CA TYR A 321 -19.76 -6.42 -4.31
C TYR A 321 -19.07 -6.22 -5.65
N THR A 322 -19.48 -5.19 -6.38
CA THR A 322 -18.82 -4.85 -7.64
C THR A 322 -17.52 -4.13 -7.32
N VAL A 323 -16.40 -4.78 -7.62
CA VAL A 323 -15.09 -4.20 -7.29
C VAL A 323 -14.83 -3.01 -8.20
N PRO A 324 -14.40 -1.87 -7.64
CA PRO A 324 -13.96 -0.75 -8.47
C PRO A 324 -12.79 -1.10 -9.38
N VAL A 325 -12.70 -0.36 -10.50
CA VAL A 325 -11.65 -0.59 -11.48
C VAL A 325 -10.96 0.75 -11.78
N PRO A 326 -9.94 1.13 -11.00
CA PRO A 326 -9.25 2.39 -11.25
C PRO A 326 -8.59 2.40 -12.63
N LYS A 327 -8.54 3.59 -13.24
CA LYS A 327 -8.11 3.78 -14.62
C LYS A 327 -6.76 4.45 -14.80
N PHE A 328 -6.28 5.19 -13.79
CA PHE A 328 -5.04 5.95 -13.95
C PHE A 328 -3.84 4.99 -14.08
N PRO A 329 -2.70 5.49 -14.53
CA PRO A 329 -1.54 4.62 -14.72
C PRO A 329 -1.17 3.92 -13.42
N ARG A 330 -1.02 2.60 -13.49
CA ARG A 330 -0.64 1.81 -12.34
C ARG A 330 0.56 0.95 -12.70
N PHE A 331 1.38 0.70 -11.69
CA PHE A 331 2.57 -0.15 -11.80
C PHE A 331 2.55 -1.13 -10.64
N MET A 332 2.45 -2.42 -10.95
CA MET A 332 2.43 -3.47 -9.93
C MET A 332 3.45 -4.54 -10.22
N TRP A 333 4.00 -5.08 -9.13
CA TRP A 333 4.99 -6.14 -9.22
C TRP A 333 4.72 -7.14 -8.11
N HIS A 334 5.34 -8.31 -8.25
CA HIS A 334 5.14 -9.43 -7.35
C HIS A 334 6.18 -10.51 -7.64
N ALA A 335 6.73 -11.09 -6.58
CA ALA A 335 7.58 -12.28 -6.72
C ALA A 335 6.70 -13.46 -7.08
N LEU A 336 7.01 -14.13 -8.18
CA LEU A 336 6.23 -15.32 -8.51
C LEU A 336 6.29 -16.34 -7.38
N PRO A 337 7.47 -16.71 -6.84
CA PRO A 337 7.47 -17.66 -5.71
C PRO A 337 7.38 -16.95 -4.36
N ASP A 338 6.67 -15.82 -4.28
CA ASP A 338 6.47 -15.16 -3.00
C ASP A 338 5.98 -16.18 -1.98
N GLU A 339 6.68 -16.24 -0.83
CA GLU A 339 6.37 -17.23 0.19
C GLU A 339 5.51 -16.69 1.32
N ILE A 340 5.31 -15.38 1.40
CA ILE A 340 4.46 -14.75 2.40
C ILE A 340 3.13 -14.31 1.82
N VAL A 341 3.13 -13.64 0.67
CA VAL A 341 1.89 -13.11 0.09
C VAL A 341 1.66 -13.76 -1.26
N PRO A 342 0.60 -14.55 -1.43
CA PRO A 342 0.51 -15.45 -2.59
C PRO A 342 0.41 -14.70 -3.91
N PHE A 343 1.14 -15.19 -4.90
CA PHE A 343 1.19 -14.51 -6.19
C PHE A 343 -0.17 -14.55 -6.88
N GLN A 344 -0.82 -15.71 -6.90
CA GLN A 344 -1.94 -15.92 -7.80
C GLN A 344 -3.13 -14.96 -7.56
N PRO A 345 -3.55 -14.62 -6.34
CA PRO A 345 -4.65 -13.66 -6.22
C PRO A 345 -4.29 -12.29 -6.78
N ALA A 346 -3.03 -11.89 -6.67
CA ALA A 346 -2.60 -10.64 -7.26
C ALA A 346 -2.63 -10.71 -8.78
N ALA A 347 -2.21 -11.85 -9.33
CA ALA A 347 -2.30 -12.05 -10.78
C ALA A 347 -3.77 -12.07 -11.24
N ASN A 348 -4.64 -12.72 -10.47
CA ASN A 348 -6.05 -12.75 -10.84
C ASN A 348 -6.66 -11.36 -10.77
N TYR A 349 -6.27 -10.57 -9.76
CA TYR A 349 -6.76 -9.19 -9.68
C TYR A 349 -6.35 -8.39 -10.89
N VAL A 350 -5.06 -8.49 -11.26
CA VAL A 350 -4.55 -7.74 -12.40
C VAL A 350 -5.32 -8.11 -13.67
N LYS A 351 -5.49 -9.41 -13.90
CA LYS A 351 -6.23 -9.86 -15.07
C LYS A 351 -7.65 -9.30 -15.10
N GLU A 352 -8.38 -9.44 -13.97
CA GLU A 352 -9.75 -8.93 -13.89
C GLU A 352 -9.80 -7.44 -14.20
N GLN A 353 -8.93 -6.66 -13.55
CA GLN A 353 -8.90 -5.22 -13.75
C GLN A 353 -8.65 -4.86 -15.21
N CYS A 354 -7.72 -5.58 -15.84
CA CYS A 354 -7.37 -5.33 -17.23
C CYS A 354 -8.55 -5.61 -18.16
N GLN A 355 -9.31 -6.68 -17.93
CA GLN A 355 -10.49 -6.96 -18.75
C GLN A 355 -11.58 -5.92 -18.59
N LYS A 356 -11.49 -5.03 -17.60
CA LYS A 356 -12.47 -3.97 -17.41
C LYS A 356 -11.87 -2.58 -17.59
N GLY A 357 -10.70 -2.46 -18.22
CA GLY A 357 -10.22 -1.16 -18.68
C GLY A 357 -9.04 -0.54 -17.95
N ALA A 358 -8.44 -1.24 -16.99
CA ALA A 358 -7.31 -0.71 -16.21
C ALA A 358 -6.08 -0.47 -17.09
N ASN A 359 -5.15 0.31 -16.54
CA ASN A 359 -3.84 0.55 -17.14
C ASN A 359 -2.79 0.09 -16.13
N ILE A 360 -2.50 -1.22 -16.12
CA ILE A 360 -1.61 -1.83 -15.14
C ILE A 360 -0.38 -2.37 -15.85
N ASN A 361 0.76 -1.81 -15.49
CA ASN A 361 2.09 -2.22 -15.94
C ASN A 361 2.59 -3.28 -14.95
N TRP A 362 2.53 -4.56 -15.37
CA TRP A 362 2.60 -5.72 -14.49
C TRP A 362 3.97 -6.38 -14.61
N ASN A 363 4.62 -6.62 -13.47
CA ASN A 363 6.01 -7.01 -13.43
C ASN A 363 6.18 -8.23 -12.53
N VAL A 364 6.49 -9.38 -13.12
CA VAL A 364 6.54 -10.64 -12.40
C VAL A 364 7.99 -11.08 -12.30
N TYR A 365 8.54 -11.11 -11.09
CA TYR A 365 9.94 -11.51 -10.90
C TYR A 365 9.98 -13.02 -10.68
N PRO A 366 10.65 -13.77 -11.55
CA PRO A 366 10.60 -15.24 -11.48
C PRO A 366 11.47 -15.83 -10.38
N ILE A 367 12.64 -15.22 -10.11
CA ILE A 367 13.57 -15.71 -9.09
C ILE A 367 13.60 -14.70 -7.96
N ALA A 368 12.64 -14.79 -7.03
CA ALA A 368 12.47 -13.76 -6.02
C ALA A 368 11.62 -14.34 -4.90
N GLU A 369 11.63 -13.66 -3.76
CA GLU A 369 10.74 -13.98 -2.66
C GLU A 369 10.14 -12.67 -2.17
N HIS A 370 9.33 -12.71 -1.12
CA HIS A 370 8.68 -11.50 -0.64
C HIS A 370 9.69 -10.41 -0.34
N VAL A 371 10.84 -10.76 0.23
CA VAL A 371 11.77 -9.72 0.67
C VAL A 371 12.61 -9.22 -0.49
N THR A 372 13.17 -10.14 -1.29
CA THR A 372 13.99 -9.70 -2.42
C THR A 372 13.19 -8.86 -3.42
N ALA A 373 11.93 -9.26 -3.70
CA ALA A 373 11.08 -8.47 -4.58
C ALA A 373 10.77 -7.10 -3.99
N GLU A 374 10.88 -6.94 -2.68
CA GLU A 374 10.65 -5.64 -2.06
C GLU A 374 11.65 -4.61 -2.58
N ILE A 375 12.86 -5.03 -2.88
CA ILE A 375 13.85 -4.12 -3.47
C ILE A 375 13.80 -4.18 -5.01
N PHE A 376 13.65 -5.39 -5.58
CA PHE A 376 13.76 -5.56 -7.03
C PHE A 376 12.92 -4.51 -7.77
N GLY A 377 11.66 -4.35 -7.38
CA GLY A 377 10.75 -3.45 -8.02
C GLY A 377 10.66 -2.07 -7.42
N LEU A 378 11.56 -1.74 -6.49
CA LEU A 378 11.56 -0.44 -5.83
C LEU A 378 11.93 0.68 -6.81
N VAL A 379 13.08 0.55 -7.47
CA VAL A 379 13.59 1.62 -8.33
C VAL A 379 12.71 1.75 -9.58
N PRO A 380 12.36 0.67 -10.29
CA PRO A 380 11.40 0.85 -11.39
C PRO A 380 10.09 1.51 -10.99
N GLY A 381 9.56 1.16 -9.81
CA GLY A 381 8.30 1.75 -9.38
C GLY A 381 8.39 3.24 -9.10
N LEU A 382 9.52 3.68 -8.54
CA LEU A 382 9.68 5.12 -8.30
C LEU A 382 9.93 5.85 -9.63
N ASP A 383 10.71 5.24 -10.52
CA ASP A 383 10.88 5.78 -11.86
C ASP A 383 9.52 5.95 -12.52
N PHE A 384 8.71 4.89 -12.47
CA PHE A 384 7.36 4.94 -13.01
C PHE A 384 6.56 6.09 -12.41
N LEU A 385 6.71 6.33 -11.10
CA LEU A 385 5.92 7.38 -10.47
C LEU A 385 6.44 8.75 -10.88
N SER A 386 7.75 8.86 -11.13
CA SER A 386 8.27 10.11 -11.68
C SER A 386 7.64 10.40 -13.04
N LYS A 387 7.53 9.37 -13.88
CA LYS A 387 6.91 9.54 -15.20
C LYS A 387 5.40 9.84 -15.06
N ALA A 388 4.72 9.19 -14.13
CA ALA A 388 3.29 9.43 -13.94
C ALA A 388 3.01 10.86 -13.53
N PHE A 389 3.91 11.45 -12.73
CA PHE A 389 3.75 12.84 -12.33
C PHE A 389 3.92 13.79 -13.51
N LYS A 390 4.62 13.35 -14.57
CA LYS A 390 4.80 14.10 -15.80
C LYS A 390 3.82 13.67 -16.89
N GLY A 391 2.82 12.86 -16.56
CA GLY A 391 1.95 12.28 -17.61
C GLY A 391 2.71 11.55 -18.69
N GLN A 392 3.77 10.83 -18.33
CA GLN A 392 4.64 10.20 -19.31
C GLN A 392 4.88 8.71 -19.02
N THR A 393 3.94 8.04 -18.37
CA THR A 393 4.10 6.60 -18.18
C THR A 393 4.09 5.92 -19.54
N PRO A 394 4.89 4.87 -19.75
CA PRO A 394 4.90 4.22 -21.06
C PRO A 394 3.59 3.50 -21.33
N LYS A 395 3.34 3.28 -22.62
CA LYS A 395 2.17 2.49 -22.99
C LYS A 395 2.52 1.00 -22.88
N VAL A 396 1.63 0.25 -22.22
CA VAL A 396 1.76 -1.20 -22.08
C VAL A 396 0.40 -1.81 -22.30
N ALA A 397 0.41 -3.03 -22.82
CA ALA A 397 -0.77 -3.88 -22.74
C ALA A 397 -1.03 -4.20 -21.27
N CYS A 398 -2.24 -3.93 -20.83
CA CYS A 398 -2.61 -4.09 -19.43
C CYS A 398 -2.35 -5.51 -18.97
N GLY A 399 -1.62 -5.65 -17.88
CA GLY A 399 -1.25 -6.95 -17.38
C GLY A 399 0.06 -7.47 -17.92
N SER A 400 0.81 -6.64 -18.64
CA SER A 400 2.14 -6.99 -19.11
C SER A 400 3.05 -5.84 -18.77
N GLY A 401 4.35 -6.02 -19.06
CA GLY A 401 5.32 -4.96 -19.00
C GLY A 401 5.60 -4.44 -20.41
N VAL A 402 6.39 -3.38 -20.47
CA VAL A 402 6.85 -2.88 -21.77
C VAL A 402 7.56 -4.03 -22.50
N PRO A 403 7.22 -4.31 -23.76
CA PRO A 403 7.91 -5.40 -24.45
C PRO A 403 9.31 -4.97 -24.88
N ALA A 404 10.07 -5.91 -25.44
CA ALA A 404 11.46 -5.64 -25.76
C ALA A 404 11.54 -4.62 -26.89
N ILE A 405 12.34 -3.56 -26.68
CA ILE A 405 12.49 -2.48 -27.64
C ILE A 405 13.96 -2.10 -27.78
N PRO A 406 14.58 -2.30 -28.95
CA PRO A 406 16.01 -1.99 -29.10
C PRO A 406 16.32 -0.55 -28.73
N GLY A 407 17.48 -0.36 -28.09
CA GLY A 407 17.91 0.93 -27.61
C GLY A 407 17.19 1.47 -26.39
N ILE A 408 16.10 0.83 -25.94
CA ILE A 408 15.27 1.35 -24.86
C ILE A 408 15.26 0.43 -23.65
N ASN A 409 14.99 -0.86 -23.86
CA ASN A 409 15.05 -1.81 -22.77
C ASN A 409 15.66 -3.12 -23.25
N SER A 410 16.37 -3.10 -24.37
CA SER A 410 17.07 -4.28 -24.87
C SER A 410 18.16 -3.79 -25.80
N PRO A 411 19.07 -4.68 -26.24
CA PRO A 411 20.24 -4.20 -26.98
C PRO A 411 19.84 -3.45 -28.24
N SER A 412 20.73 -2.55 -28.67
CA SER A 412 20.48 -1.76 -29.86
C SER A 412 20.51 -2.64 -31.11
N THR A 413 19.83 -2.15 -32.15
CA THR A 413 19.84 -2.79 -33.46
C THR A 413 21.26 -2.97 -33.96
N GLN A 414 22.09 -1.93 -33.77
CA GLN A 414 23.52 -2.00 -34.12
C GLN A 414 24.22 -3.11 -33.34
N ASN A 415 24.01 -3.14 -32.02
CA ASN A 415 24.65 -4.16 -31.18
C ASN A 415 24.25 -5.56 -31.62
N VAL A 416 22.96 -5.79 -31.90
CA VAL A 416 22.52 -7.13 -32.28
C VAL A 416 22.88 -7.46 -33.73
N LEU A 417 22.63 -6.53 -34.66
CA LEU A 417 22.74 -6.85 -36.07
C LEU A 417 24.06 -6.42 -36.69
N GLY A 418 24.82 -5.55 -36.03
CA GLY A 418 25.92 -4.90 -36.67
C GLY A 418 25.44 -3.76 -37.54
N SER A 419 26.40 -2.99 -38.04
CA SER A 419 26.06 -1.71 -38.65
C SER A 419 25.35 -1.87 -39.99
N ASP A 420 25.81 -2.81 -40.83
CA ASP A 420 25.22 -2.95 -42.17
C ASP A 420 23.76 -3.39 -42.08
N LEU A 421 23.51 -4.59 -41.54
CA LEU A 421 22.16 -5.10 -41.45
C LEU A 421 21.25 -4.18 -40.63
N ALA A 422 21.83 -3.38 -39.73
CA ALA A 422 21.00 -2.45 -38.99
C ALA A 422 20.55 -1.30 -39.87
N ASN A 423 21.36 -0.96 -40.88
CA ASN A 423 20.96 0.09 -41.81
C ASN A 423 19.95 -0.44 -42.83
N GLN A 424 20.16 -1.66 -43.31
CA GLN A 424 19.16 -2.32 -44.15
C GLN A 424 17.81 -2.37 -43.45
N LEU A 425 17.79 -2.81 -42.19
CA LEU A 425 16.53 -2.90 -41.46
C LEU A 425 15.91 -1.53 -41.28
N ASN A 426 16.70 -0.55 -40.85
CA ASN A 426 16.22 0.81 -40.68
C ASN A 426 15.60 1.34 -41.97
N SER A 427 16.19 1.00 -43.11
CA SER A 427 15.71 1.59 -44.35
C SER A 427 14.46 0.91 -44.90
N LEU A 428 13.97 -0.16 -44.27
CA LEU A 428 12.64 -0.68 -44.62
C LEU A 428 11.53 0.26 -44.17
N LYS A 429 11.82 1.19 -43.27
CA LYS A 429 10.80 2.15 -42.84
C LYS A 429 10.19 2.81 -44.05
N GLY A 430 8.85 2.74 -44.14
CA GLY A 430 8.11 3.41 -45.19
C GLY A 430 7.92 2.61 -46.47
N GLN A 431 8.64 1.50 -46.63
CA GLN A 431 8.50 0.66 -47.79
C GLN A 431 7.34 -0.32 -47.63
N GLN A 432 6.76 -0.74 -48.76
CA GLN A 432 5.65 -1.67 -48.72
C GLN A 432 6.10 -3.00 -48.13
N SER A 433 5.34 -3.50 -47.17
CA SER A 433 5.53 -4.89 -46.75
C SER A 433 4.80 -5.84 -47.70
N ALA A 434 5.07 -7.14 -47.52
CA ALA A 434 4.39 -8.17 -48.30
C ALA A 434 2.88 -8.13 -48.11
N PHE A 435 2.40 -7.44 -47.06
CA PHE A 435 0.97 -7.35 -46.80
C PHE A 435 0.37 -6.06 -47.35
N GLY A 436 1.13 -5.30 -48.15
CA GLY A 436 0.60 -4.10 -48.75
C GLY A 436 0.46 -2.91 -47.83
N LYS A 437 0.84 -3.04 -46.57
CA LYS A 437 0.92 -1.89 -45.69
C LYS A 437 2.39 -1.57 -45.42
N PRO A 438 2.73 -0.29 -45.23
CA PRO A 438 4.15 0.08 -45.12
C PRO A 438 4.76 -0.39 -43.80
N PHE A 439 6.05 -0.70 -43.86
CA PHE A 439 6.82 -0.99 -42.65
C PHE A 439 6.97 0.25 -41.77
N GLY A 440 7.14 0.03 -40.48
CA GLY A 440 7.48 1.08 -39.55
C GLY A 440 8.95 1.03 -39.16
N SER A 441 9.26 1.71 -38.05
CA SER A 441 10.61 1.70 -37.53
C SER A 441 10.79 0.54 -36.54
N VAL A 442 12.05 0.30 -36.18
CA VAL A 442 12.34 -0.75 -35.21
C VAL A 442 11.77 -0.39 -33.84
N SER A 443 11.61 0.92 -33.54
CA SER A 443 11.11 1.40 -32.24
C SER A 443 9.63 1.72 -32.32
N PRO A 444 8.81 1.18 -31.42
CA PRO A 444 7.39 1.55 -31.36
C PRO A 444 7.23 3.01 -31.00
N PRO A 445 6.02 3.56 -31.13
CA PRO A 445 5.83 4.99 -30.85
C PRO A 445 6.02 5.30 -29.36
N LEU A 446 6.75 6.38 -29.09
CA LEU A 446 7.03 6.83 -27.73
C LEU A 446 5.95 7.80 -27.26
#